data_7YBO
#
_entry.id   7YBO
#
_cell.length_a   40.075
_cell.length_b   60.440
_cell.length_c   59.899
_cell.angle_alpha   90.000
_cell.angle_beta   94.930
_cell.angle_gamma   90.000
#
_symmetry.space_group_name_H-M   'P 1 21 1'
#
loop_
_entity.id
_entity.type
_entity.pdbx_description
1 polymer 'Fibroblast growth factor receptor 4'
2 non-polymer ~{N}-[4-[(1~{R})-1-[3,5-bis(chloranyl)pyridin-4-yl]ethoxy]-5-cyano-pyridin-2-yl]-6-bromanyl-5-(hydroxymethyl)-1-(2-morpholin-4-ylethyl)pyrrolo[3,2-b]pyridine-3-carboxamide
3 non-polymer 'SULFATE ION'
4 water water
#
_entity_poly.entity_id   1
_entity_poly.type   'polypeptide(L)'
_entity_poly.pdbx_seq_one_letter_code
;GPLLAGLVSLDLPLDPLWEFPRDRLVLGKPLGEGCFGQVVRAEAFGMDPARPDQASTVAVKMLKDNASDKDLADLVSEME
VMKLIGRHKNIINLLGVCTQEGPLYVIVECAAKGNLREFLRARRPPGPDLSPDGPRSSEGPLSFPVLVSCAYQVARGMQY
LESRKCIHRDLAARNVLVTEDNVMKIADFGLARGVHHIDYYKKTSNGRLPVKWMAPEALFDEVYTHQSDVWSFGILLWEI
FTLGGSPYPGIPVEELFSLLREGHRMDRPPHCPPELYGLMRECWHAAPSQRPTFKQLVEALDKVLLAVSEE
;
_entity_poly.pdbx_strand_id   A
#
loop_
_chem_comp.id
_chem_comp.type
_chem_comp.name
_chem_comp.formula
IH7 non-polymer ~{N}-[4-[(1~{R})-1-[3,5-bis(chloranyl)pyridin-4-yl]ethoxy]-5-cyano-pyridin-2-yl]-6-bromanyl-5-(hydroxymethyl)-1-(2-morpholin-4-ylethyl)pyrrolo[3,2-b]pyridine-3-carboxamide 'C28 H24 Br Cl2 N7 O4'
SO4 non-polymer 'SULFATE ION' 'O4 S -2'
#
# COMPACT_ATOMS: atom_id res chain seq x y z
N ASP A 11 -6.98 -29.62 0.48
CA ASP A 11 -7.52 -30.14 -0.80
C ASP A 11 -8.47 -29.09 -1.41
N LEU A 12 -7.91 -27.96 -1.88
CA LEU A 12 -8.68 -26.87 -2.51
C LEU A 12 -9.03 -27.23 -3.94
N PRO A 13 -10.04 -26.59 -4.50
CA PRO A 13 -10.41 -26.92 -5.88
C PRO A 13 -9.39 -26.37 -6.89
N LEU A 14 -9.38 -26.93 -8.10
CA LEU A 14 -8.42 -26.51 -9.11
C LEU A 14 -8.96 -25.38 -9.98
N ASP A 15 -8.20 -24.29 -10.06
CA ASP A 15 -8.53 -23.19 -10.96
C ASP A 15 -7.48 -23.13 -12.07
N PRO A 16 -7.81 -23.70 -13.25
CA PRO A 16 -6.90 -23.82 -14.39
C PRO A 16 -6.31 -22.50 -14.84
N LEU A 17 -7.10 -21.43 -14.80
CA LEU A 17 -6.65 -20.12 -15.26
C LEU A 17 -5.53 -19.56 -14.39
N TRP A 18 -5.56 -19.87 -13.09
CA TRP A 18 -4.62 -19.28 -12.17
C TRP A 18 -3.60 -20.26 -11.59
N GLU A 19 -3.76 -21.55 -11.90
CA GLU A 19 -2.88 -22.55 -11.30
C GLU A 19 -1.50 -22.55 -11.96
N PHE A 20 -0.48 -22.47 -11.13
CA PHE A 20 0.91 -22.49 -11.59
C PHE A 20 1.65 -23.63 -10.89
N PRO A 21 2.41 -24.42 -11.65
CA PRO A 21 3.14 -25.54 -11.05
C PRO A 21 4.13 -25.08 -9.98
N ARG A 22 3.98 -25.60 -8.76
CA ARG A 22 4.82 -25.18 -7.65
C ARG A 22 6.28 -25.56 -7.87
N ASP A 23 6.51 -26.58 -8.69
CA ASP A 23 7.86 -27.02 -8.99
C ASP A 23 8.58 -26.07 -9.94
N ARG A 24 7.82 -25.17 -10.57
CA ARG A 24 8.39 -24.12 -11.39
C ARG A 24 8.77 -22.90 -10.53
N LEU A 25 8.68 -23.06 -9.22
CA LEU A 25 9.08 -22.01 -8.28
C LEU A 25 10.33 -22.39 -7.51
N VAL A 26 11.20 -21.41 -7.29
CA VAL A 26 12.34 -21.61 -6.40
C VAL A 26 12.32 -20.53 -5.32
N LEU A 27 11.94 -20.94 -4.11
CA LEU A 27 11.81 -19.99 -3.01
C LEU A 27 13.18 -19.44 -2.60
N GLY A 28 13.24 -18.14 -2.37
CA GLY A 28 14.45 -17.48 -1.92
C GLY A 28 14.30 -16.93 -0.51
N LYS A 29 14.86 -15.75 -0.28
CA LYS A 29 14.81 -15.13 1.05
C LYS A 29 13.44 -14.54 1.35
N PRO A 30 12.93 -14.76 2.56
CA PRO A 30 11.66 -14.17 2.98
C PRO A 30 11.73 -12.64 2.96
N LEU A 31 10.61 -12.00 2.65
CA LEU A 31 10.59 -10.54 2.51
C LEU A 31 9.95 -9.86 3.71
N GLY A 32 8.78 -10.34 4.12
CA GLY A 32 8.05 -9.74 5.22
C GLY A 32 6.90 -10.60 5.70
N GLU A 33 6.21 -10.11 6.72
CA GLU A 33 5.17 -10.89 7.39
C GLU A 33 3.86 -10.14 7.51
N GLY A 34 2.91 -10.74 8.23
CA GLY A 34 1.62 -10.13 8.48
C GLY A 34 1.00 -10.66 9.77
N PHE A 36 -1.75 -12.13 8.48
CA PHE A 36 -2.30 -12.57 7.20
C PHE A 36 -1.28 -13.33 6.36
N GLY A 37 -0.51 -14.19 7.02
CA GLY A 37 0.47 -15.02 6.34
C GLY A 37 1.80 -14.31 6.14
N GLN A 38 2.71 -14.98 5.42
CA GLN A 38 4.03 -14.43 5.15
C GLN A 38 4.29 -14.33 3.65
N VAL A 39 5.32 -13.56 3.28
CA VAL A 39 5.66 -13.37 1.88
C VAL A 39 7.14 -13.65 1.62
N VAL A 40 7.42 -14.49 0.63
CA VAL A 40 8.79 -14.87 0.32
C VAL A 40 9.15 -14.55 -1.13
N ARG A 41 10.31 -13.95 -1.33
CA ARG A 41 10.83 -13.72 -2.67
C ARG A 41 11.19 -15.04 -3.33
N ALA A 42 10.82 -15.20 -4.61
CA ALA A 42 11.10 -16.44 -5.32
C ALA A 42 11.30 -16.21 -6.81
N GLU A 43 11.92 -17.19 -7.46
CA GLU A 43 12.08 -17.13 -8.91
C GLU A 43 11.15 -18.14 -9.58
N ALA A 44 10.43 -17.68 -10.60
CA ALA A 44 9.49 -18.53 -11.32
C ALA A 44 9.99 -18.80 -12.72
N PHE A 45 9.65 -19.97 -13.25
CA PHE A 45 10.08 -20.32 -14.60
C PHE A 45 8.88 -20.59 -15.49
N GLY A 46 8.75 -19.78 -16.54
CA GLY A 46 7.65 -19.92 -17.47
C GLY A 46 6.36 -19.31 -16.96
N MET A 47 6.48 -18.24 -16.17
CA MET A 47 5.32 -17.47 -15.76
C MET A 47 4.62 -16.97 -17.02
N ASP A 48 5.42 -16.60 -18.01
CA ASP A 48 4.93 -16.37 -19.37
C ASP A 48 5.00 -17.71 -20.09
N PRO A 49 3.83 -18.27 -20.43
CA PRO A 49 3.74 -19.59 -21.08
C PRO A 49 4.42 -19.63 -22.45
N ALA A 50 4.72 -18.47 -23.01
CA ALA A 50 5.42 -18.38 -24.28
C ALA A 50 6.92 -18.63 -24.09
N ARG A 51 7.41 -18.38 -22.89
CA ARG A 51 8.83 -18.59 -22.57
C ARG A 51 8.99 -19.46 -21.33
N PRO A 52 8.84 -20.79 -21.49
CA PRO A 52 8.79 -21.77 -20.39
C PRO A 52 10.05 -21.82 -19.54
N ASP A 53 11.21 -21.58 -20.14
CA ASP A 53 12.47 -21.70 -19.42
C ASP A 53 13.02 -20.35 -18.99
N GLN A 54 12.19 -19.31 -19.10
CA GLN A 54 12.60 -17.97 -18.69
C GLN A 54 12.29 -17.73 -17.23
N ALA A 55 13.29 -17.27 -16.49
CA ALA A 55 13.12 -16.96 -15.08
C ALA A 55 12.48 -15.59 -14.90
N SER A 56 11.86 -15.39 -13.74
CA SER A 56 11.30 -14.10 -13.36
C SER A 56 11.21 -14.01 -11.85
N THR A 57 11.44 -12.83 -11.30
CA THR A 57 11.38 -12.66 -9.85
C THR A 57 9.97 -12.28 -9.40
N VAL A 58 9.35 -13.16 -8.62
CA VAL A 58 8.00 -12.94 -8.13
C VAL A 58 7.98 -12.94 -6.61
N ALA A 59 6.83 -12.54 -6.04
CA ALA A 59 6.63 -12.62 -4.60
C ALA A 59 5.60 -13.70 -4.28
N VAL A 60 5.96 -14.61 -3.39
CA VAL A 60 5.07 -15.71 -3.03
C VAL A 60 4.43 -15.51 -1.66
N LYS A 61 3.10 -15.51 -1.63
CA LYS A 61 2.38 -15.39 -0.38
C LYS A 61 1.91 -16.76 0.10
N MET A 62 2.25 -17.10 1.34
CA MET A 62 1.92 -18.41 1.89
C MET A 62 1.55 -18.32 3.36
N LEU A 63 0.95 -19.38 3.89
CA LEU A 63 0.60 -19.43 5.30
C LEU A 63 1.85 -19.51 6.16
N LYS A 64 1.73 -19.06 7.40
CA LYS A 64 2.82 -19.22 8.37
C LYS A 64 2.84 -20.66 8.86
N ASP A 65 3.68 -20.92 9.84
CA ASP A 65 3.70 -22.24 10.45
C ASP A 65 2.68 -22.23 11.59
N ASN A 66 1.97 -21.13 11.76
CA ASN A 66 0.83 -21.17 12.64
C ASN A 66 -0.36 -22.00 12.09
N ALA A 67 -0.73 -21.81 10.82
CA ALA A 67 -1.84 -22.55 10.17
C ALA A 67 -3.18 -22.80 10.88
N SER A 68 -3.66 -21.84 11.68
CA SER A 68 -5.03 -22.00 12.16
C SER A 68 -5.91 -21.91 10.93
N ASP A 69 -6.98 -22.70 10.88
CA ASP A 69 -7.74 -22.84 9.63
C ASP A 69 -8.48 -21.58 9.17
N LYS A 70 -8.43 -20.51 9.97
CA LYS A 70 -8.98 -19.24 9.52
C LYS A 70 -7.88 -18.39 8.91
N ASP A 71 -6.62 -18.71 9.25
CA ASP A 71 -5.49 -18.12 8.55
C ASP A 71 -5.54 -18.59 7.09
N LEU A 72 -5.89 -19.86 6.91
CA LEU A 72 -6.05 -20.45 5.59
C LEU A 72 -7.21 -19.81 4.85
N ALA A 73 -8.36 -19.73 5.51
CA ALA A 73 -9.56 -19.14 4.94
C ALA A 73 -9.35 -17.69 4.53
N ASP A 74 -8.61 -16.95 5.35
CA ASP A 74 -8.29 -15.56 5.04
C ASP A 74 -7.38 -15.45 3.82
N LEU A 75 -6.41 -16.34 3.73
CA LEU A 75 -5.51 -16.33 2.57
C LEU A 75 -6.28 -16.76 1.33
N VAL A 76 -7.17 -17.73 1.49
CA VAL A 76 -8.04 -18.16 0.41
C VAL A 76 -8.94 -16.99 -0.03
N SER A 77 -9.47 -16.27 0.94
CA SER A 77 -10.30 -15.10 0.67
C SER A 77 -9.56 -14.02 -0.08
N GLU A 78 -8.32 -13.75 0.35
CA GLU A 78 -7.48 -12.77 -0.34
C GLU A 78 -7.20 -13.23 -1.77
N MET A 79 -6.93 -14.52 -1.92
CA MET A 79 -6.67 -15.10 -3.24
C MET A 79 -7.85 -14.86 -4.18
N GLU A 80 -9.06 -15.09 -3.71
CA GLU A 80 -10.24 -14.92 -4.54
C GLU A 80 -10.46 -13.46 -4.92
N VAL A 81 -10.11 -12.55 -4.03
CA VAL A 81 -10.19 -11.13 -4.33
C VAL A 81 -9.20 -10.79 -5.44
N MET A 82 -7.96 -11.21 -5.26
CA MET A 82 -6.90 -11.01 -6.26
C MET A 82 -7.32 -11.49 -7.65
N LYS A 83 -8.14 -12.53 -7.69
CA LYS A 83 -8.60 -13.11 -8.95
C LYS A 83 -9.59 -12.21 -9.69
N LEU A 84 -10.39 -11.45 -8.94
CA LEU A 84 -11.51 -10.72 -9.52
C LEU A 84 -11.28 -9.21 -9.63
N ILE A 85 -10.27 -8.69 -8.95
CA ILE A 85 -9.99 -7.25 -8.97
C ILE A 85 -9.62 -6.76 -10.37
N GLY A 86 -8.95 -7.63 -11.12
CA GLY A 86 -8.54 -7.29 -12.47
C GLY A 86 -7.11 -6.76 -12.52
N ARG A 87 -6.72 -6.23 -13.67
CA ARG A 87 -5.36 -5.74 -13.87
C ARG A 87 -5.31 -4.22 -13.85
N HIS A 88 -4.38 -3.68 -13.05
CA HIS A 88 -4.09 -2.25 -13.05
C HIS A 88 -2.64 -2.05 -12.64
N LYS A 89 -1.95 -1.17 -13.35
CA LYS A 89 -0.51 -0.98 -13.17
C LYS A 89 -0.15 -0.45 -11.78
N ASN A 90 -1.12 0.14 -11.09
CA ASN A 90 -0.85 0.77 -9.81
C ASN A 90 -1.32 -0.04 -8.61
N ILE A 91 -1.64 -1.31 -8.84
CA ILE A 91 -1.90 -2.24 -7.75
C ILE A 91 -1.08 -3.52 -7.94
N ILE A 92 -0.81 -4.23 -6.85
CA ILE A 92 -0.15 -5.53 -6.93
C ILE A 92 -1.09 -6.52 -7.61
N ASN A 93 -0.65 -7.07 -8.73
CA ASN A 93 -1.49 -7.97 -9.52
C ASN A 93 -1.16 -9.43 -9.29
N LEU A 94 -2.17 -10.28 -9.41
CA LEU A 94 -1.99 -11.73 -9.27
C LEU A 94 -1.30 -12.29 -10.50
N LEU A 95 -0.37 -13.21 -10.29
CA LEU A 95 0.33 -13.85 -11.40
C LEU A 95 -0.08 -15.32 -11.50
N GLY A 96 -0.41 -15.93 -10.36
CA GLY A 96 -0.81 -17.33 -10.33
C GLY A 96 -0.93 -17.84 -8.91
N VAL A 97 -1.43 -19.07 -8.77
CA VAL A 97 -1.57 -19.68 -7.45
C VAL A 97 -1.15 -21.15 -7.47
N CYS A 98 -0.71 -21.65 -6.32
CA CYS A 98 -0.39 -23.06 -6.17
C CYS A 98 -1.30 -23.67 -5.09
N THR A 99 -2.25 -24.50 -5.52
CA THR A 99 -3.23 -25.07 -4.60
C THR A 99 -3.16 -26.59 -4.54
N GLN A 100 -2.67 -27.21 -5.61
CA GLN A 100 -2.71 -28.66 -5.72
C GLN A 100 -1.46 -29.34 -5.14
N GLU A 101 -1.71 -30.37 -4.34
CA GLU A 101 -0.65 -31.22 -3.80
C GLU A 101 0.52 -30.58 -3.05
N GLY A 102 0.20 -29.81 -2.02
CA GLY A 102 1.17 -29.01 -1.32
C GLY A 102 0.57 -27.77 -0.71
N PRO A 103 1.39 -26.97 0.00
CA PRO A 103 0.94 -25.74 0.67
C PRO A 103 0.39 -24.69 -0.28
N LEU A 104 -0.54 -23.88 0.22
CA LEU A 104 -1.18 -22.85 -0.58
C LEU A 104 -0.23 -21.68 -0.87
N TYR A 105 0.02 -21.45 -2.15
CA TYR A 105 0.84 -20.31 -2.57
C TYR A 105 0.00 -19.31 -3.36
N VAL A 106 0.17 -18.04 -3.03
CA VAL A 106 -0.43 -16.97 -3.81
C VAL A 106 0.69 -16.15 -4.43
N ILE A 107 0.86 -16.28 -5.75
CA ILE A 107 1.97 -15.65 -6.44
C ILE A 107 1.57 -14.29 -7.00
N VAL A 108 2.22 -13.24 -6.52
CA VAL A 108 1.95 -11.88 -6.99
C VAL A 108 3.22 -11.21 -7.47
N GLU A 109 3.05 -10.03 -8.06
CA GLU A 109 4.19 -9.25 -8.56
C GLU A 109 5.13 -8.88 -7.43
N CYS A 110 6.42 -8.82 -7.74
CA CYS A 110 7.41 -8.44 -6.75
C CYS A 110 7.90 -7.02 -7.01
N ALA A 111 7.86 -6.19 -5.97
CA ALA A 111 8.37 -4.82 -6.05
C ALA A 111 9.75 -4.74 -5.43
N ALA A 112 10.77 -4.64 -6.28
CA ALA A 112 12.16 -4.81 -5.88
C ALA A 112 12.69 -3.71 -4.95
N LYS A 113 11.96 -2.61 -4.83
CA LYS A 113 12.42 -1.51 -3.99
C LYS A 113 11.67 -1.43 -2.66
N GLY A 114 10.92 -2.47 -2.32
CA GLY A 114 10.20 -2.51 -1.05
C GLY A 114 8.99 -1.59 -1.03
N ASN A 115 8.51 -1.27 0.16
CA ASN A 115 7.34 -0.39 0.28
C ASN A 115 7.75 1.08 0.16
N LEU A 116 6.75 1.92 -0.04
CA LEU A 116 6.99 3.35 -0.28
C LEU A 116 7.70 4.04 0.88
N ARG A 117 7.41 3.62 2.10
CA ARG A 117 8.04 4.22 3.28
C ARG A 117 9.53 3.96 3.31
N GLU A 118 9.91 2.69 3.13
CA GLU A 118 11.32 2.23 3.13
C GLU A 118 12.05 2.87 1.95
N PHE A 119 11.35 3.04 0.84
CA PHE A 119 11.90 3.65 -0.37
C PHE A 119 12.32 5.10 -0.11
N LEU A 120 11.45 5.85 0.56
CA LEU A 120 11.67 7.27 0.82
C LEU A 120 12.73 7.52 1.89
N ARG A 121 12.68 6.74 2.96
CA ARG A 121 13.59 6.93 4.10
C ARG A 121 15.03 6.66 3.71
N ALA A 122 15.22 5.76 2.74
CA ALA A 122 16.55 5.41 2.26
C ALA A 122 17.07 6.45 1.27
N ARG A 123 16.21 7.38 0.88
CA ARG A 123 16.57 8.35 -0.14
C ARG A 123 16.37 9.79 0.35
N ARG A 124 16.68 10.00 1.63
CA ARG A 124 16.67 11.34 2.19
C ARG A 124 17.97 12.03 1.85
N PRO A 125 17.92 13.36 1.63
CA PRO A 125 19.11 14.13 1.23
C PRO A 125 20.26 14.01 2.24
N PRO A 126 21.50 14.13 1.77
CA PRO A 126 22.70 13.99 2.61
C PRO A 126 22.76 15.00 3.76
N PRO A 132 31.26 15.97 0.39
CA PRO A 132 30.53 16.79 -0.57
C PRO A 132 31.22 16.82 -1.93
N ASP A 133 31.69 15.67 -2.40
CA ASP A 133 32.33 15.57 -3.70
C ASP A 133 31.32 15.66 -4.83
N GLY A 134 31.69 16.30 -5.94
CA GLY A 134 30.83 16.39 -7.10
C GLY A 134 30.08 17.69 -7.22
N PRO A 135 29.47 17.93 -8.40
CA PRO A 135 28.73 19.15 -8.76
C PRO A 135 27.33 19.23 -8.17
N ARG A 136 26.80 18.10 -7.71
CA ARG A 136 25.45 18.08 -7.16
C ARG A 136 25.30 17.60 -5.71
N SER A 137 26.32 17.90 -4.91
CA SER A 137 26.40 17.42 -3.52
C SER A 137 25.08 17.57 -2.78
N SER A 138 24.45 18.73 -2.92
CA SER A 138 23.20 19.03 -2.22
C SER A 138 22.03 18.19 -2.71
N GLU A 139 22.14 17.70 -3.94
CA GLU A 139 21.03 17.03 -4.61
C GLU A 139 20.77 15.61 -4.10
N GLY A 140 19.65 15.43 -3.41
CA GLY A 140 19.24 14.11 -2.97
C GLY A 140 18.61 13.35 -4.12
N PRO A 141 18.40 12.04 -3.94
CA PRO A 141 17.80 11.18 -4.97
C PRO A 141 16.35 11.56 -5.28
N LEU A 142 15.70 12.31 -4.39
CA LEU A 142 14.27 12.59 -4.54
C LEU A 142 13.99 14.03 -4.93
N SER A 143 13.24 14.21 -6.01
CA SER A 143 12.84 15.53 -6.47
C SER A 143 11.33 15.72 -6.29
N PHE A 144 10.89 16.97 -6.31
CA PHE A 144 9.48 17.28 -6.14
C PHE A 144 8.56 16.64 -7.18
N PRO A 145 8.92 16.69 -8.47
CA PRO A 145 7.99 16.07 -9.44
C PRO A 145 7.89 14.55 -9.32
N VAL A 146 8.90 13.90 -8.75
CA VAL A 146 8.85 12.46 -8.55
C VAL A 146 7.96 12.13 -7.34
N LEU A 147 7.98 12.98 -6.32
CA LEU A 147 7.13 12.80 -5.15
C LEU A 147 5.66 12.97 -5.53
N VAL A 148 5.39 13.93 -6.41
CA VAL A 148 4.03 14.16 -6.90
C VAL A 148 3.56 12.98 -7.71
N SER A 149 4.47 12.44 -8.52
CA SER A 149 4.15 11.28 -9.35
C SER A 149 3.76 10.08 -8.48
N CYS A 150 4.50 9.86 -7.40
CA CYS A 150 4.20 8.79 -6.46
C CYS A 150 2.78 8.92 -5.92
N ALA A 151 2.43 10.13 -5.50
CA ALA A 151 1.09 10.41 -4.98
C ALA A 151 0.04 10.17 -6.07
N TYR A 152 0.29 10.71 -7.26
CA TYR A 152 -0.64 10.60 -8.37
C TYR A 152 -0.93 9.15 -8.75
N GLN A 153 0.11 8.32 -8.74
CA GLN A 153 -0.04 6.90 -9.06
C GLN A 153 -0.88 6.18 -8.01
N VAL A 154 -0.64 6.45 -6.74
CA VAL A 154 -1.41 5.82 -5.66
C VAL A 154 -2.88 6.22 -5.77
N ALA A 155 -3.10 7.48 -6.13
CA ALA A 155 -4.44 8.00 -6.33
C ALA A 155 -5.19 7.25 -7.43
N ARG A 156 -4.54 7.05 -8.57
CA ARG A 156 -5.18 6.35 -9.69
C ARG A 156 -5.39 4.88 -9.39
N GLY A 157 -4.46 4.29 -8.65
CA GLY A 157 -4.64 2.92 -8.19
C GLY A 157 -5.83 2.81 -7.26
N MET A 158 -5.95 3.79 -6.36
CA MET A 158 -7.06 3.83 -5.43
C MET A 158 -8.35 4.18 -6.14
N GLN A 159 -8.26 5.00 -7.17
CA GLN A 159 -9.41 5.34 -8.00
C GLN A 159 -9.97 4.08 -8.65
N TYR A 160 -9.06 3.24 -9.14
CA TYR A 160 -9.44 1.96 -9.75
C TYR A 160 -10.14 1.06 -8.75
N LEU A 161 -9.50 0.84 -7.61
CA LEU A 161 -10.04 -0.01 -6.55
C LEU A 161 -11.42 0.46 -6.08
N GLU A 162 -11.61 1.77 -6.00
CA GLU A 162 -12.89 2.32 -5.61
C GLU A 162 -13.96 2.00 -6.66
N SER A 163 -13.58 2.08 -7.92
CA SER A 163 -14.50 1.78 -9.02
C SER A 163 -14.88 0.30 -9.02
N ARG A 164 -13.98 -0.53 -8.51
CA ARG A 164 -14.27 -1.96 -8.40
C ARG A 164 -14.83 -2.28 -7.02
N LYS A 165 -15.18 -1.23 -6.29
CA LYS A 165 -15.75 -1.34 -4.96
C LYS A 165 -14.87 -2.16 -4.03
N CYS A 166 -13.59 -1.80 -3.98
CA CYS A 166 -12.64 -2.45 -3.08
C CYS A 166 -12.09 -1.46 -2.07
N ILE A 167 -12.65 -1.46 -0.87
CA ILE A 167 -12.15 -0.60 0.20
C ILE A 167 -10.85 -1.17 0.75
N HIS A 168 -9.86 -0.31 0.96
CA HIS A 168 -8.58 -0.76 1.48
C HIS A 168 -8.63 -0.95 3.00
N ARG A 169 -9.14 0.06 3.71
CA ARG A 169 -9.30 0.08 5.17
C ARG A 169 -7.97 0.20 5.93
N ASP A 170 -6.85 0.21 5.22
CA ASP A 170 -5.56 0.48 5.85
C ASP A 170 -4.48 1.23 5.07
N LEU A 171 -4.91 2.06 4.13
CA LEU A 171 -4.02 2.66 3.15
C LEU A 171 -2.91 3.42 3.85
N ALA A 172 -1.68 3.04 3.56
CA ALA A 172 -0.51 3.69 4.14
C ALA A 172 0.66 3.54 3.17
N ALA A 173 1.74 4.28 3.41
CA ALA A 173 2.93 4.16 2.58
C ALA A 173 3.53 2.78 2.74
N ARG A 174 3.29 2.18 3.90
CA ARG A 174 3.74 0.84 4.20
C ARG A 174 3.05 -0.20 3.31
N ASN A 175 1.84 0.12 2.86
CA ASN A 175 1.10 -0.77 1.97
C ASN A 175 1.12 -0.31 0.51
N VAL A 176 2.13 0.48 0.15
CA VAL A 176 2.34 0.87 -1.24
C VAL A 176 3.73 0.43 -1.69
N LEU A 177 3.78 -0.42 -2.71
CA LEU A 177 5.05 -1.02 -3.12
C LEU A 177 5.65 -0.33 -4.35
N VAL A 178 6.98 -0.33 -4.39
CA VAL A 178 7.72 0.36 -5.44
C VAL A 178 8.52 -0.61 -6.30
N THR A 179 8.24 -0.63 -7.60
CA THR A 179 8.93 -1.53 -8.51
C THR A 179 10.29 -0.99 -8.92
N GLU A 180 11.00 -1.77 -9.72
CA GLU A 180 12.30 -1.41 -10.23
C GLU A 180 12.22 -0.13 -11.06
N ASP A 181 11.05 0.09 -11.65
CA ASP A 181 10.81 1.25 -12.50
C ASP A 181 10.10 2.38 -11.76
N ASN A 182 10.12 2.32 -10.43
CA ASN A 182 9.48 3.32 -9.56
C ASN A 182 7.99 3.48 -9.83
N VAL A 183 7.32 2.37 -10.09
CA VAL A 183 5.87 2.36 -10.24
C VAL A 183 5.21 2.00 -8.92
N MET A 184 4.28 2.84 -8.47
CA MET A 184 3.57 2.61 -7.22
C MET A 184 2.55 1.50 -7.40
N LYS A 185 2.62 0.48 -6.54
CA LYS A 185 1.64 -0.60 -6.55
C LYS A 185 1.03 -0.77 -5.16
N ILE A 186 -0.29 -0.66 -5.09
CA ILE A 186 -1.01 -0.80 -3.84
C ILE A 186 -1.18 -2.26 -3.46
N ALA A 187 -0.71 -2.63 -2.27
CA ALA A 187 -0.77 -4.01 -1.81
C ALA A 187 -1.79 -4.19 -0.69
N ASP A 188 -2.20 -5.44 -0.50
CA ASP A 188 -3.06 -5.84 0.62
C ASP A 188 -4.36 -5.04 0.68
N PHE A 189 -4.99 -4.87 -0.47
CA PHE A 189 -6.24 -4.13 -0.56
C PHE A 189 -7.45 -5.01 -0.30
N GLY A 190 -7.32 -6.29 -0.64
CA GLY A 190 -8.39 -7.25 -0.40
C GLY A 190 -7.96 -8.02 0.83
N LEU A 191 -8.38 -7.56 2.00
CA LEU A 191 -8.01 -8.22 3.24
C LEU A 191 -9.09 -8.16 4.30
N ALA A 192 -9.15 -9.20 5.13
CA ALA A 192 -9.90 -9.13 6.38
C ALA A 192 -9.10 -8.26 7.32
N ARG A 193 -9.74 -7.26 7.91
CA ARG A 193 -9.01 -6.24 8.64
C ARG A 193 -9.11 -6.35 10.16
N GLY A 194 -10.00 -7.20 10.66
CA GLY A 194 -10.25 -7.29 12.09
C GLY A 194 -10.79 -5.97 12.59
N VAL A 195 -11.75 -5.42 11.87
CA VAL A 195 -12.30 -4.09 12.11
C VAL A 195 -12.92 -3.92 13.50
N HIS A 196 -13.52 -4.99 14.01
CA HIS A 196 -14.27 -4.92 15.26
C HIS A 196 -13.42 -5.26 16.49
N HIS A 197 -12.14 -5.51 16.27
CA HIS A 197 -11.24 -5.79 17.39
C HIS A 197 -9.88 -5.10 17.46
N ILE A 198 -9.79 -3.94 16.82
CA ILE A 198 -8.52 -3.25 16.63
C ILE A 198 -7.96 -2.73 17.94
N ASP A 199 -6.80 -3.25 18.34
CA ASP A 199 -6.06 -2.70 19.46
C ASP A 199 -5.40 -1.40 19.01
N TYR A 200 -6.02 -0.27 19.36
CA TYR A 200 -5.56 1.04 18.88
C TYR A 200 -4.18 1.41 19.43
N TYR A 201 -3.76 0.78 20.52
CA TYR A 201 -2.45 1.04 21.12
C TYR A 201 -1.39 0.05 20.66
N LYS A 202 -1.78 -0.94 19.85
CA LYS A 202 -0.85 -1.98 19.43
C LYS A 202 -0.07 -1.57 18.19
N LYS A 203 1.23 -1.40 18.35
CA LYS A 203 2.09 -1.09 17.22
C LYS A 203 2.58 -2.39 16.59
N THR A 204 2.81 -2.37 15.29
CA THR A 204 3.17 -3.58 14.55
C THR A 204 4.64 -3.94 14.71
N SER A 205 5.06 -4.96 13.95
CA SER A 205 6.44 -5.45 13.98
C SER A 205 7.45 -4.35 13.65
N ASN A 206 7.10 -3.50 12.69
CA ASN A 206 7.99 -2.41 12.29
C ASN A 206 7.57 -1.08 12.90
N GLY A 207 6.95 -1.16 14.08
CA GLY A 207 6.67 0.02 14.89
C GLY A 207 5.59 0.95 14.38
N ARG A 208 4.69 0.43 13.55
CA ARG A 208 3.62 1.25 12.99
C ARG A 208 2.35 1.21 13.84
N LEU A 209 1.72 2.38 14.01
CA LEU A 209 0.46 2.49 14.73
C LEU A 209 -0.70 2.78 13.78
N PRO A 210 -1.32 1.71 13.25
CA PRO A 210 -2.32 1.81 12.18
C PRO A 210 -3.49 2.75 12.49
N VAL A 211 -3.69 3.04 13.77
CA VAL A 211 -4.78 3.92 14.18
C VAL A 211 -4.57 5.35 13.64
N LYS A 212 -3.31 5.68 13.35
CA LYS A 212 -2.97 7.03 12.87
C LYS A 212 -3.31 7.22 11.39
N TRP A 213 -3.87 6.19 10.77
CA TRP A 213 -4.31 6.28 9.39
C TRP A 213 -5.83 6.19 9.30
N MET A 214 -6.47 5.97 10.44
CA MET A 214 -7.92 5.75 10.46
C MET A 214 -8.73 7.05 10.41
N ALA A 215 -9.73 7.05 9.53
CA ALA A 215 -10.69 8.14 9.47
C ALA A 215 -11.53 8.16 10.76
N PRO A 216 -12.02 9.33 11.16
CA PRO A 216 -12.82 9.45 12.38
C PRO A 216 -14.05 8.54 12.40
N GLU A 217 -14.75 8.44 11.27
CA GLU A 217 -15.95 7.62 11.22
C GLU A 217 -15.59 6.15 11.29
N ALA A 218 -14.36 5.81 10.90
CA ALA A 218 -13.87 4.45 11.01
C ALA A 218 -13.39 4.20 12.43
N LEU A 219 -12.69 5.17 13.00
CA LEU A 219 -12.14 5.03 14.35
C LEU A 219 -13.24 5.08 15.41
N PHE A 220 -14.11 6.08 15.32
CA PHE A 220 -15.13 6.29 16.33
C PHE A 220 -16.43 5.52 16.09
N ASP A 221 -16.80 5.33 14.82
CA ASP A 221 -18.09 4.73 14.49
C ASP A 221 -17.97 3.39 13.75
N GLU A 222 -16.75 2.91 13.60
CA GLU A 222 -16.47 1.65 12.88
C GLU A 222 -17.06 1.62 11.47
N VAL A 223 -17.21 2.79 10.86
CA VAL A 223 -17.78 2.91 9.53
C VAL A 223 -16.71 3.13 8.46
N TYR A 224 -16.69 2.25 7.45
CA TYR A 224 -15.74 2.38 6.36
C TYR A 224 -16.43 2.68 5.04
N THR A 225 -15.99 3.76 4.40
CA THR A 225 -16.42 4.11 3.05
C THR A 225 -15.18 4.40 2.21
N HIS A 226 -15.37 4.65 0.93
CA HIS A 226 -14.26 5.01 0.06
C HIS A 226 -13.68 6.36 0.48
N GLN A 227 -14.49 7.17 1.14
CA GLN A 227 -14.04 8.45 1.64
C GLN A 227 -13.17 8.30 2.87
N SER A 228 -13.30 7.17 3.56
CA SER A 228 -12.46 6.89 4.71
C SER A 228 -11.06 6.48 4.23
N ASP A 229 -10.99 5.95 3.02
CA ASP A 229 -9.71 5.70 2.38
C ASP A 229 -9.07 7.02 1.93
N VAL A 230 -9.91 8.01 1.65
CA VAL A 230 -9.42 9.32 1.23
C VAL A 230 -8.69 10.00 2.39
N TRP A 231 -9.26 9.88 3.59
CA TRP A 231 -8.60 10.35 4.80
C TRP A 231 -7.21 9.74 4.90
N SER A 232 -7.15 8.42 4.74
CA SER A 232 -5.89 7.69 4.82
C SER A 232 -4.92 8.16 3.76
N PHE A 233 -5.43 8.41 2.55
CA PHE A 233 -4.61 8.91 1.46
C PHE A 233 -3.94 10.24 1.83
N GLY A 234 -4.64 11.07 2.60
CA GLY A 234 -4.08 12.33 3.06
C GLY A 234 -2.92 12.09 4.01
N ILE A 235 -3.06 11.07 4.85
CA ILE A 235 -1.97 10.67 5.75
C ILE A 235 -0.80 10.15 4.92
N LEU A 236 -1.11 9.40 3.86
CA LEU A 236 -0.08 8.87 2.97
C LEU A 236 0.67 10.01 2.28
N LEU A 237 -0.05 11.07 1.95
CA LEU A 237 0.54 12.26 1.35
C LEU A 237 1.56 12.88 2.29
N TRP A 238 1.20 12.95 3.56
CA TRP A 238 2.07 13.53 4.57
C TRP A 238 3.36 12.71 4.68
N GLU A 239 3.22 11.39 4.61
CA GLU A 239 4.37 10.48 4.61
C GLU A 239 5.32 10.76 3.45
N ILE A 240 4.74 10.90 2.26
CA ILE A 240 5.52 11.14 1.06
C ILE A 240 6.37 12.41 1.16
N PHE A 241 5.78 13.50 1.63
CA PHE A 241 6.49 14.77 1.61
C PHE A 241 7.23 15.05 2.92
N THR A 242 7.24 14.06 3.80
CA THR A 242 8.15 14.03 4.93
C THR A 242 9.25 13.03 4.63
N LEU A 243 9.20 12.47 3.42
CA LEU A 243 10.15 11.47 2.96
C LEU A 243 10.20 10.25 3.88
N GLY A 244 9.02 9.76 4.25
CA GLY A 244 8.91 8.52 5.02
C GLY A 244 8.70 8.71 6.51
N GLY A 245 8.18 9.87 6.89
CA GLY A 245 7.93 10.14 8.29
C GLY A 245 6.74 9.40 8.84
N SER A 246 6.72 9.21 10.16
CA SER A 246 5.58 8.61 10.83
C SER A 246 4.60 9.71 11.22
N PRO A 247 3.33 9.58 10.79
CA PRO A 247 2.30 10.59 11.05
C PRO A 247 2.08 10.81 12.54
N TYR A 248 1.62 12.00 12.90
CA TYR A 248 1.49 12.41 14.30
C TYR A 248 2.73 12.06 15.12
N PRO A 249 3.91 12.47 14.63
CA PRO A 249 5.19 11.92 15.08
C PRO A 249 5.43 12.16 16.57
N GLY A 250 5.59 11.08 17.32
CA GLY A 250 5.87 11.18 18.74
C GLY A 250 4.64 11.33 19.61
N ILE A 251 3.48 11.49 18.97
CA ILE A 251 2.23 11.69 19.71
C ILE A 251 1.65 10.36 20.17
N PRO A 252 1.45 10.21 21.49
CA PRO A 252 0.86 8.98 22.06
C PRO A 252 -0.57 8.77 21.57
N VAL A 253 -0.99 7.51 21.49
CA VAL A 253 -2.32 7.18 20.99
C VAL A 253 -3.42 7.82 21.83
N GLU A 254 -3.23 7.85 23.15
CA GLU A 254 -4.22 8.45 24.06
C GLU A 254 -4.50 9.89 23.66
N GLU A 255 -3.45 10.58 23.21
CA GLU A 255 -3.58 11.97 22.77
C GLU A 255 -4.27 12.11 21.43
N LEU A 256 -3.96 11.19 20.51
CA LEU A 256 -4.56 11.19 19.18
C LEU A 256 -6.08 11.18 19.23
N PHE A 257 -6.63 10.41 20.16
CA PHE A 257 -8.08 10.34 20.37
C PHE A 257 -8.67 11.73 20.66
N SER A 258 -8.19 12.36 21.71
CA SER A 258 -8.74 13.65 22.13
C SER A 258 -8.32 14.73 21.14
N LEU A 259 -7.19 14.51 20.49
CA LEU A 259 -6.69 15.42 19.46
C LEU A 259 -7.66 15.53 18.30
N LEU A 260 -8.08 14.38 17.78
CA LEU A 260 -9.01 14.34 16.66
C LEU A 260 -10.41 14.82 17.06
N ARG A 261 -10.80 14.56 18.30
CA ARG A 261 -12.09 15.01 18.80
C ARG A 261 -12.16 16.54 18.84
N GLU A 262 -11.02 17.17 19.09
CA GLU A 262 -10.94 18.62 19.11
C GLU A 262 -10.70 19.18 17.70
N GLY A 263 -10.70 18.29 16.71
CA GLY A 263 -10.60 18.69 15.32
C GLY A 263 -9.23 19.16 14.87
N HIS A 264 -8.20 18.79 15.64
CA HIS A 264 -6.84 19.16 15.30
C HIS A 264 -6.27 18.27 14.19
N ARG A 265 -5.31 18.81 13.45
CA ARG A 265 -4.66 18.10 12.36
C ARG A 265 -3.15 18.28 12.44
N MET A 266 -2.41 17.43 11.73
CA MET A 266 -0.95 17.56 11.64
C MET A 266 -0.55 18.90 11.03
N ASP A 267 0.57 19.45 11.48
CA ASP A 267 1.11 20.68 10.92
C ASP A 267 1.65 20.46 9.51
N ARG A 268 1.91 21.57 8.82
CA ARG A 268 2.48 21.53 7.49
C ARG A 268 3.96 21.17 7.58
N PRO A 269 4.36 20.05 6.94
CA PRO A 269 5.75 19.60 6.98
C PRO A 269 6.70 20.53 6.21
N PRO A 270 7.96 20.61 6.65
CA PRO A 270 8.98 21.44 6.01
C PRO A 270 9.16 21.11 4.52
N HIS A 271 9.46 22.12 3.72
CA HIS A 271 9.67 21.97 2.29
C HIS A 271 8.49 21.27 1.62
N CYS A 272 7.28 21.69 1.97
CA CYS A 272 6.07 21.16 1.35
C CYS A 272 5.19 22.32 0.89
N PRO A 273 5.06 22.49 -0.43
CA PRO A 273 4.28 23.58 -1.00
C PRO A 273 2.85 23.58 -0.50
N PRO A 274 2.24 24.76 -0.37
CA PRO A 274 0.90 24.88 0.20
C PRO A 274 -0.15 24.15 -0.64
N GLU A 275 0.16 23.92 -1.92
CA GLU A 275 -0.73 23.17 -2.78
C GLU A 275 -0.98 21.78 -2.23
N LEU A 276 0.06 21.14 -1.72
CA LEU A 276 -0.05 19.76 -1.28
C LEU A 276 -0.50 19.63 0.16
N TYR A 277 -0.13 20.58 1.01
CA TYR A 277 -0.66 20.61 2.36
C TYR A 277 -2.16 20.91 2.31
N GLY A 278 -2.57 21.68 1.31
CA GLY A 278 -3.97 21.96 1.08
C GLY A 278 -4.73 20.69 0.77
N LEU A 279 -4.17 19.87 -0.11
CA LEU A 279 -4.75 18.57 -0.45
C LEU A 279 -4.86 17.69 0.78
N MET A 280 -3.80 17.67 1.60
CA MET A 280 -3.79 16.92 2.85
C MET A 280 -4.95 17.32 3.74
N ARG A 281 -5.09 18.62 3.96
CA ARG A 281 -6.14 19.15 4.82
C ARG A 281 -7.52 18.84 4.27
N GLU A 282 -7.64 18.79 2.95
CA GLU A 282 -8.92 18.44 2.31
C GLU A 282 -9.31 17.00 2.58
N CYS A 283 -8.32 16.11 2.55
CA CYS A 283 -8.56 14.70 2.81
C CYS A 283 -8.90 14.48 4.28
N TRP A 284 -8.51 15.43 5.13
CA TRP A 284 -8.72 15.31 6.57
C TRP A 284 -9.92 16.12 7.05
N HIS A 285 -10.79 16.50 6.13
CA HIS A 285 -12.04 17.14 6.52
C HIS A 285 -12.91 16.14 7.27
N ALA A 286 -13.51 16.59 8.37
CA ALA A 286 -14.28 15.73 9.27
C ALA A 286 -15.40 14.97 8.56
N ALA A 287 -16.19 15.70 7.79
CA ALA A 287 -17.29 15.09 7.04
C ALA A 287 -16.78 14.45 5.75
N PRO A 288 -17.12 13.16 5.53
CA PRO A 288 -16.69 12.41 4.35
C PRO A 288 -17.07 13.08 3.04
N SER A 289 -18.19 13.80 3.04
CA SER A 289 -18.71 14.44 1.84
C SER A 289 -17.92 15.67 1.45
N GLN A 290 -17.17 16.23 2.40
CA GLN A 290 -16.38 17.43 2.14
C GLN A 290 -14.92 17.09 1.90
N ARG A 291 -14.65 15.81 1.66
CA ARG A 291 -13.33 15.37 1.22
C ARG A 291 -13.36 15.17 -0.29
N PRO A 292 -12.22 15.37 -0.96
CA PRO A 292 -12.17 15.08 -2.39
C PRO A 292 -12.35 13.59 -2.65
N THR A 293 -12.88 13.24 -3.80
CA THR A 293 -12.89 11.85 -4.23
C THR A 293 -11.55 11.55 -4.86
N PHE A 294 -11.22 10.28 -5.03
CA PHE A 294 -9.94 9.93 -5.63
C PHE A 294 -9.84 10.44 -7.06
N LYS A 295 -10.98 10.49 -7.75
CA LYS A 295 -11.04 11.04 -9.10
C LYS A 295 -10.61 12.51 -9.10
N GLN A 296 -11.09 13.26 -8.11
CA GLN A 296 -10.72 14.67 -7.97
C GLN A 296 -9.26 14.80 -7.53
N LEU A 297 -8.80 13.83 -6.75
CA LEU A 297 -7.40 13.78 -6.32
C LEU A 297 -6.47 13.50 -7.49
N VAL A 298 -6.91 12.61 -8.38
CA VAL A 298 -6.14 12.29 -9.58
C VAL A 298 -5.99 13.52 -10.47
N GLU A 299 -7.09 14.23 -10.67
CA GLU A 299 -7.09 15.41 -11.51
C GLU A 299 -6.25 16.53 -10.92
N ALA A 300 -6.40 16.76 -9.61
CA ALA A 300 -5.67 17.83 -8.93
C ALA A 300 -4.16 17.58 -8.96
N LEU A 301 -3.76 16.34 -8.72
CA LEU A 301 -2.34 15.97 -8.74
C LEU A 301 -1.78 16.04 -10.15
N ASP A 302 -2.63 15.75 -11.14
CA ASP A 302 -2.23 15.83 -12.53
C ASP A 302 -1.88 17.26 -12.91
N LYS A 303 -2.69 18.21 -12.46
CA LYS A 303 -2.46 19.63 -12.73
C LYS A 303 -1.13 20.09 -12.14
N VAL A 304 -0.79 19.56 -10.96
CA VAL A 304 0.50 19.86 -10.34
C VAL A 304 1.62 19.25 -11.16
N LEU A 305 1.41 18.00 -11.57
CA LEU A 305 2.37 17.27 -12.36
C LEU A 305 2.55 17.94 -13.71
N LEU A 306 1.48 18.56 -14.19
CA LEU A 306 1.50 19.30 -15.45
C LEU A 306 2.30 20.60 -15.31
N ALA A 307 2.22 21.22 -14.13
CA ALA A 307 2.85 22.51 -13.90
C ALA A 307 4.37 22.40 -13.85
N VAL A 308 4.88 21.20 -13.63
CA VAL A 308 6.35 21.05 -13.72
C VAL A 308 6.70 21.39 -15.17
N SER A 309 7.53 22.41 -15.40
CA SER A 309 7.82 22.82 -16.80
C SER A 309 8.95 22.00 -17.42
N GLU A 310 8.74 21.69 -18.71
CA GLU A 310 9.55 20.88 -19.65
C GLU A 310 9.33 19.40 -19.36
CLBL IH7 B . 8.19 -7.25 2.61
CBG IH7 B . 6.94 -6.06 2.61
CBH IH7 B . 7.23 -4.78 3.06
NBI IH7 B . 6.23 -3.81 3.06
CBJ IH7 B . 4.95 -4.13 2.61
CBK IH7 B . 4.67 -5.41 2.17
CLBM IH7 B . 3.06 -5.73 1.63
CBE IH7 B . 5.67 -6.40 2.14
CBD IH7 B . 5.45 -7.71 1.71
CBF IH7 B . 4.69 -8.49 2.79
OAU IH7 B . 4.73 -7.80 0.44
CAQ IH7 B . 5.46 -7.72 -0.73
CAP IH7 B . 6.83 -7.45 -0.78
CAR IH7 B . 4.77 -7.92 -1.91
CBO IH7 B . 3.36 -8.19 -1.91
NBP IH7 B . 2.23 -8.41 -1.92
CAS IH7 B . 5.45 -7.84 -3.13
NAT IH7 B . 6.82 -7.58 -3.15
CAO IH7 B . 7.50 -7.36 -2.01
NAM IH7 B . 8.81 -7.15 -2.11
CAK IH7 B . 9.52 -6.42 -1.23
OAL IH7 B . 9.08 -5.82 -0.24
CAI IH7 B . 10.83 -6.41 -1.48
CAH IH7 B . 11.76 -5.85 -0.71
CAE IH7 B . 11.39 -6.97 -2.55
NAF IH7 B . 10.88 -7.64 -3.60
CAA IH7 B . 11.69 -8.11 -4.57
CAJ IH7 B . 11.15 -8.81 -5.65
OBN IH7 B . 10.85 -7.91 -6.73
CAB IH7 B . 13.06 -7.90 -4.46
BRAV IH7 B . 14.25 -8.52 -5.79
CAC IH7 B . 13.55 -7.19 -3.36
CAD IH7 B . 12.71 -6.75 -2.43
NAG IH7 B . 12.92 -6.07 -1.31
CAN IH7 B . 14.26 -5.63 -0.84
CAW IH7 B . 14.56 -4.22 -1.34
NAX IH7 B . 16.01 -3.95 -1.43
CAY IH7 B . 16.59 -3.91 -0.08
CAZ IH7 B . 18.08 -3.58 -0.15
OBA IH7 B . 18.25 -2.30 -0.79
CBB IH7 B . 17.71 -2.31 -2.12
CBC IH7 B . 16.22 -2.65 -2.07
S SO4 C . 18.05 -6.94 -2.79
O1 SO4 C . 17.87 -7.52 -1.46
O2 SO4 C . 17.62 -5.55 -2.80
O3 SO4 C . 17.27 -7.69 -3.78
O4 SO4 C . 19.47 -7.02 -3.16
S SO4 D . 11.95 10.34 11.64
O1 SO4 D . 10.67 9.81 11.20
O2 SO4 D . 11.75 11.17 12.82
O3 SO4 D . 12.86 9.24 11.97
O4 SO4 D . 12.52 11.15 10.56
S SO4 E . 1.40 -3.08 8.74
O1 SO4 E . 1.22 -1.66 8.74
O2 SO4 E . 0.58 -3.57 9.81
O3 SO4 E . 2.81 -3.44 8.87
O4 SO4 E . 0.77 -3.57 7.55
S SO4 F . -13.32 -7.42 9.03
O1 SO4 F . -14.58 -6.68 8.95
O2 SO4 F . -13.55 -8.72 9.64
O3 SO4 F . -12.38 -6.66 9.86
O4 SO4 F . -12.75 -7.58 7.69
S SO4 G . 8.83 -26.03 -4.00
O1 SO4 G . 7.44 -25.93 -4.32
O2 SO4 G . 9.13 -25.27 -2.80
O3 SO4 G . 9.08 -27.41 -3.81
O4 SO4 G . 9.57 -25.45 -5.07
S SO4 H . -6.24 -8.83 17.14
O1 SO4 H . -7.57 -8.73 17.75
O2 SO4 H . -6.09 -7.79 16.13
O3 SO4 H . -6.08 -10.15 16.53
O4 SO4 H . -5.23 -8.65 18.18
#